data_7HS2
#
_entry.id   7HS2
#
_cell.length_a   98.862
_cell.length_b   98.779
_cell.length_c   127.989
_cell.angle_alpha   90.00
_cell.angle_beta   90.00
_cell.angle_gamma   90.00
#
_symmetry.space_group_name_H-M   'I 2 2 2'
#
loop_
_entity.id
_entity.type
_entity.pdbx_description
1 polymer 'Oleoyl-acyl carrier protein thioesterase 1, chloroplastic'
2 non-polymer 2-(propan-2-yl)-1H-pyrrolo[3,2-b]pyridine
3 non-polymer 'SULFATE ION'
4 water water
#
_entity_poly.entity_id   1
_entity_poly.type   'polypeptide(L)'
_entity_poly.pdbx_seq_one_letter_code
;MGSLTEDGLSYKEKFVVRSYEVGSNKTATVETIANLLQEVGCNHAQSVGFSTDGFATTTTMRKLHLIWVTARMHIEIYKY
PAWGDVVEIETWCQSEGRIGTRRDWILKDSVTGEVTGRATSKWVMMNQDTRRLQKVSDDVRDEYLVFCPQEPRLAFPEEN
NRSLKKIPKLEDPAQYSMIGLKPRRADLDMNQHVNNVTYIGWVLESIPQEIVDTHELQVITLDYRRECQQDDVVDSLTTT
TSEIGGTNGSATSGTQGHNDSQFLHLLRLSGDGQEINRGTTLWRKKPSSHHHHHH
;
_entity_poly.pdbx_strand_id   A,B
#
loop_
_chem_comp.id
_chem_comp.type
_chem_comp.name
_chem_comp.formula
SO4 non-polymer 'SULFATE ION' 'O4 S -2'
ZVB non-polymer 2-(propan-2-yl)-1H-pyrrolo[3,2-b]pyridine 'C10 H12 N2'
#
# COMPACT_ATOMS: atom_id res chain seq x y z
N GLY A 2 -17.68 -3.78 -8.63
CA GLY A 2 -18.55 -2.86 -7.91
C GLY A 2 -19.64 -2.29 -8.78
N SER A 3 -20.69 -1.73 -8.15
CA SER A 3 -21.81 -1.20 -8.92
C SER A 3 -22.65 -0.26 -8.09
N LEU A 4 -23.32 0.69 -8.77
CA LEU A 4 -24.33 1.51 -8.12
C LEU A 4 -25.49 0.58 -7.71
N THR A 5 -26.17 0.89 -6.61
CA THR A 5 -27.33 0.13 -6.18
C THR A 5 -28.52 0.44 -7.12
N GLU A 6 -29.62 -0.31 -6.97
CA GLU A 6 -30.81 -0.16 -7.79
C GLU A 6 -31.30 1.31 -7.96
N ASP A 7 -31.38 2.08 -6.85
CA ASP A 7 -31.86 3.45 -6.93
C ASP A 7 -30.81 4.46 -7.48
N GLY A 8 -29.57 4.02 -7.68
CA GLY A 8 -28.48 4.85 -8.19
C GLY A 8 -27.97 5.89 -7.22
N LEU A 9 -28.35 5.79 -5.93
CA LEU A 9 -27.96 6.77 -4.90
C LEU A 9 -26.84 6.30 -3.93
N SER A 10 -26.33 5.07 -4.15
CA SER A 10 -25.18 4.57 -3.36
C SER A 10 -24.41 3.55 -4.21
N TYR A 11 -23.24 3.15 -3.76
CA TYR A 11 -22.37 2.26 -4.53
C TYR A 11 -21.83 1.17 -3.63
N LYS A 12 -21.68 -0.06 -4.15
CA LYS A 12 -21.15 -1.17 -3.34
C LYS A 12 -20.04 -1.85 -4.07
N GLU A 13 -19.04 -2.31 -3.33
CA GLU A 13 -17.93 -3.04 -3.92
C GLU A 13 -17.41 -4.07 -2.91
N LYS A 14 -16.97 -5.22 -3.42
CA LYS A 14 -16.43 -6.30 -2.61
C LYS A 14 -14.91 -6.35 -2.77
N PHE A 15 -14.19 -6.61 -1.68
CA PHE A 15 -12.72 -6.70 -1.71
C PHE A 15 -12.27 -7.95 -0.97
N VAL A 16 -11.29 -8.69 -1.53
CA VAL A 16 -10.71 -9.87 -0.88
C VAL A 16 -9.45 -9.33 -0.17
N VAL A 17 -9.36 -9.46 1.16
CA VAL A 17 -8.21 -8.96 1.92
C VAL A 17 -6.88 -9.68 1.49
N ARG A 18 -5.85 -8.90 1.09
CA ARG A 18 -4.57 -9.42 0.60
C ARG A 18 -3.57 -9.74 1.70
N SER A 19 -2.59 -10.64 1.40
CA SER A 19 -1.54 -11.02 2.31
C SER A 19 -0.77 -9.81 2.88
N TYR A 20 -0.36 -8.85 2.02
CA TYR A 20 0.43 -7.69 2.50
C TYR A 20 -0.42 -6.58 3.20
N GLU A 21 -1.76 -6.76 3.21
CA GLU A 21 -2.69 -5.78 3.80
C GLU A 21 -2.97 -6.03 5.29
N VAL A 22 -2.50 -7.16 5.85
CA VAL A 22 -2.80 -7.54 7.23
C VAL A 22 -1.63 -7.34 8.18
N GLY A 23 -1.96 -7.14 9.46
CA GLY A 23 -0.99 -7.00 10.54
C GLY A 23 -0.72 -8.30 11.30
N SER A 24 -0.18 -8.19 12.52
N SER A 24 -0.17 -8.18 12.53
N SER A 24 -0.18 -8.19 12.52
CA SER A 24 0.19 -9.31 13.39
CA SER A 24 0.20 -9.33 13.37
CA SER A 24 0.19 -9.31 13.39
C SER A 24 -0.93 -10.33 13.67
C SER A 24 -0.92 -10.34 13.66
C SER A 24 -0.93 -10.33 13.67
N ASN A 25 -2.17 -9.88 13.78
CA ASN A 25 -3.31 -10.78 14.06
C ASN A 25 -3.90 -11.42 12.77
N LYS A 26 -3.23 -11.23 11.61
CA LYS A 26 -3.70 -11.73 10.33
C LYS A 26 -5.03 -11.10 9.92
N THR A 27 -5.33 -9.87 10.39
CA THR A 27 -6.50 -9.10 9.99
C THR A 27 -6.06 -7.77 9.37
N ALA A 28 -6.92 -7.19 8.52
CA ALA A 28 -6.59 -5.94 7.82
C ALA A 28 -6.21 -4.83 8.78
N THR A 29 -5.18 -4.03 8.46
CA THR A 29 -4.81 -2.90 9.31
C THR A 29 -5.86 -1.78 9.12
N VAL A 30 -5.89 -0.77 10.02
CA VAL A 30 -6.84 0.34 9.81
C VAL A 30 -6.41 1.14 8.53
N GLU A 31 -5.09 1.13 8.16
CA GLU A 31 -4.66 1.82 6.95
C GLU A 31 -5.19 1.08 5.70
N THR A 32 -5.23 -0.26 5.75
CA THR A 32 -5.83 -1.03 4.65
C THR A 32 -7.32 -0.67 4.53
N ILE A 33 -8.05 -0.63 5.65
CA ILE A 33 -9.47 -0.24 5.64
C ILE A 33 -9.64 1.16 5.02
N ALA A 34 -8.82 2.16 5.49
CA ALA A 34 -8.90 3.52 4.94
C ALA A 34 -8.58 3.59 3.42
N ASN A 35 -7.63 2.76 2.92
CA ASN A 35 -7.33 2.71 1.48
C ASN A 35 -8.58 2.11 0.72
N LEU A 36 -9.20 1.05 1.27
CA LEU A 36 -10.42 0.46 0.62
C LEU A 36 -11.57 1.50 0.60
N LEU A 37 -11.70 2.31 1.68
CA LEU A 37 -12.72 3.36 1.72
C LEU A 37 -12.45 4.38 0.60
N GLN A 38 -11.17 4.79 0.41
CA GLN A 38 -10.82 5.71 -0.69
C GLN A 38 -11.14 5.08 -2.05
N GLU A 39 -10.76 3.81 -2.26
CA GLU A 39 -10.98 3.11 -3.52
C GLU A 39 -12.47 3.03 -3.89
N VAL A 40 -13.32 2.63 -2.93
CA VAL A 40 -14.77 2.55 -3.23
C VAL A 40 -15.35 3.96 -3.47
N GLY A 41 -14.85 4.99 -2.74
CA GLY A 41 -15.25 6.37 -2.99
C GLY A 41 -14.92 6.80 -4.42
N CYS A 42 -13.71 6.46 -4.90
N CYS A 42 -13.72 6.45 -4.88
N CYS A 42 -13.71 6.46 -4.90
CA CYS A 42 -13.27 6.81 -6.26
CA CYS A 42 -13.30 6.82 -6.22
CA CYS A 42 -13.27 6.81 -6.26
C CYS A 42 -14.11 6.09 -7.30
C CYS A 42 -14.11 6.09 -7.30
C CYS A 42 -14.11 6.09 -7.30
N ASN A 43 -14.41 4.81 -7.08
CA ASN A 43 -15.21 4.04 -8.05
C ASN A 43 -16.67 4.58 -8.11
N HIS A 44 -17.18 5.06 -6.99
CA HIS A 44 -18.49 5.69 -6.93
C HIS A 44 -18.47 6.99 -7.77
N ALA A 45 -17.46 7.87 -7.55
CA ALA A 45 -17.35 9.13 -8.30
C ALA A 45 -17.25 8.88 -9.81
N GLN A 46 -16.45 7.90 -10.23
CA GLN A 46 -16.34 7.55 -11.64
C GLN A 46 -17.66 7.08 -12.21
N SER A 47 -18.39 6.25 -11.45
N SER A 47 -18.39 6.25 -11.45
N SER A 47 -18.39 6.25 -11.45
CA SER A 47 -19.67 5.70 -11.89
CA SER A 47 -19.67 5.70 -11.89
CA SER A 47 -19.67 5.70 -11.89
C SER A 47 -20.74 6.77 -12.12
C SER A 47 -20.74 6.77 -12.14
C SER A 47 -20.74 6.77 -12.12
N VAL A 48 -20.69 7.89 -11.40
CA VAL A 48 -21.69 8.95 -11.56
C VAL A 48 -21.20 10.13 -12.43
N GLY A 49 -20.10 9.95 -13.15
CA GLY A 49 -19.61 10.96 -14.10
C GLY A 49 -18.57 11.97 -13.66
N PHE A 50 -17.83 11.71 -12.58
CA PHE A 50 -16.79 12.65 -12.13
C PHE A 50 -15.55 12.62 -13.02
N SER A 51 -14.76 13.72 -12.99
CA SER A 51 -13.50 13.84 -13.74
C SER A 51 -12.60 14.94 -13.19
N ALA A 56 -11.30 14.20 -8.79
CA ALA A 56 -12.70 13.93 -8.42
C ALA A 56 -13.50 15.23 -8.33
N THR A 57 -13.54 15.98 -9.43
CA THR A 57 -14.24 17.26 -9.46
C THR A 57 -15.43 17.22 -10.43
N THR A 58 -16.39 18.12 -10.21
CA THR A 58 -17.51 18.24 -11.13
C THR A 58 -17.09 19.22 -12.28
N THR A 59 -17.97 19.41 -13.29
CA THR A 59 -17.75 20.30 -14.40
C THR A 59 -17.54 21.74 -13.93
N THR A 60 -18.40 22.23 -13.02
CA THR A 60 -18.30 23.57 -12.47
C THR A 60 -16.98 23.75 -11.67
N MET A 61 -16.58 22.72 -10.91
N MET A 61 -16.58 22.72 -10.91
N MET A 61 -16.58 22.72 -10.91
CA MET A 61 -15.35 22.78 -10.13
CA MET A 61 -15.34 22.79 -10.13
CA MET A 61 -15.35 22.78 -10.13
C MET A 61 -14.12 22.92 -11.03
C MET A 61 -14.13 22.93 -11.04
C MET A 61 -14.12 22.92 -11.03
N ARG A 62 -14.10 22.23 -12.18
CA ARG A 62 -12.97 22.32 -13.11
C ARG A 62 -12.91 23.71 -13.76
N LYS A 63 -14.07 24.29 -14.05
CA LYS A 63 -14.19 25.62 -14.64
C LYS A 63 -13.60 26.66 -13.69
N LEU A 64 -13.92 26.55 -12.38
CA LEU A 64 -13.45 27.52 -11.38
C LEU A 64 -12.19 27.12 -10.60
N HIS A 65 -11.47 26.06 -11.02
CA HIS A 65 -10.26 25.55 -10.37
C HIS A 65 -10.46 25.21 -8.87
N LEU A 66 -11.57 24.55 -8.55
CA LEU A 66 -11.88 24.12 -7.19
C LEU A 66 -11.67 22.64 -7.01
N ILE A 67 -11.32 22.23 -5.76
CA ILE A 67 -11.11 20.84 -5.38
C ILE A 67 -11.72 20.58 -3.97
N TRP A 68 -11.94 19.32 -3.63
CA TRP A 68 -12.36 18.96 -2.27
C TRP A 68 -11.14 18.53 -1.50
N VAL A 69 -11.08 18.91 -0.22
CA VAL A 69 -10.03 18.43 0.69
C VAL A 69 -10.70 17.87 1.94
N THR A 70 -10.14 16.80 2.52
CA THR A 70 -10.73 16.24 3.74
C THR A 70 -10.50 17.16 4.91
N ALA A 71 -11.55 17.43 5.68
CA ALA A 71 -11.42 18.18 6.92
C ALA A 71 -11.36 17.16 8.11
N ARG A 72 -12.12 16.04 8.03
CA ARG A 72 -12.17 15.07 9.12
C ARG A 72 -12.51 13.70 8.57
N MET A 73 -11.90 12.68 9.18
CA MET A 73 -12.17 11.27 8.88
C MET A 73 -12.48 10.60 10.26
N HIS A 74 -13.55 9.82 10.34
CA HIS A 74 -13.93 9.13 11.58
C HIS A 74 -14.25 7.68 11.21
N ILE A 75 -13.53 6.70 11.81
CA ILE A 75 -13.74 5.30 11.49
C ILE A 75 -13.98 4.51 12.78
N GLU A 76 -15.00 3.65 12.77
CA GLU A 76 -15.24 2.72 13.87
C GLU A 76 -15.28 1.30 13.32
N ILE A 77 -14.45 0.40 13.89
CA ILE A 77 -14.38 -0.98 13.44
C ILE A 77 -14.78 -1.91 14.59
N TYR A 78 -15.73 -2.81 14.34
CA TYR A 78 -16.17 -3.82 15.30
C TYR A 78 -15.37 -5.11 15.13
N LYS A 79 -15.06 -5.47 13.86
CA LYS A 79 -14.27 -6.67 13.53
C LYS A 79 -13.46 -6.36 12.28
N TYR A 80 -12.13 -6.55 12.34
CA TYR A 80 -11.29 -6.37 11.17
C TYR A 80 -11.35 -7.66 10.33
N PRO A 81 -11.47 -7.54 9.00
CA PRO A 81 -11.58 -8.74 8.17
C PRO A 81 -10.25 -9.48 8.09
N ALA A 82 -10.29 -10.82 8.10
CA ALA A 82 -9.07 -11.61 8.07
C ALA A 82 -8.52 -11.69 6.64
N TRP A 83 -7.24 -12.04 6.51
CA TRP A 83 -6.57 -12.33 5.25
C TRP A 83 -7.41 -13.38 4.45
N GLY A 84 -7.78 -13.06 3.21
CA GLY A 84 -8.58 -13.96 2.39
C GLY A 84 -10.08 -13.79 2.50
N ASP A 85 -10.54 -13.05 3.54
CA ASP A 85 -11.97 -12.78 3.74
C ASP A 85 -12.46 -11.75 2.70
N VAL A 86 -13.77 -11.75 2.43
CA VAL A 86 -14.35 -10.81 1.47
C VAL A 86 -15.14 -9.80 2.29
N VAL A 87 -14.84 -8.50 2.13
CA VAL A 87 -15.55 -7.44 2.83
C VAL A 87 -16.37 -6.64 1.78
N GLU A 88 -17.63 -6.32 2.09
CA GLU A 88 -18.44 -5.52 1.15
C GLU A 88 -18.59 -4.13 1.75
N ILE A 89 -18.32 -3.11 0.96
CA ILE A 89 -18.41 -1.74 1.45
C ILE A 89 -19.42 -0.96 0.61
N GLU A 90 -20.37 -0.32 1.28
CA GLU A 90 -21.36 0.53 0.61
C GLU A 90 -21.02 1.99 0.95
N THR A 91 -21.05 2.88 -0.04
CA THR A 91 -20.74 4.29 0.20
C THR A 91 -21.76 5.20 -0.51
N TRP A 92 -21.91 6.38 0.05
CA TRP A 92 -22.80 7.40 -0.51
C TRP A 92 -22.34 8.76 -0.02
N CYS A 93 -22.79 9.82 -0.67
N CYS A 93 -22.78 9.83 -0.71
N CYS A 93 -22.79 9.82 -0.67
CA CYS A 93 -22.42 11.16 -0.26
CA CYS A 93 -22.44 11.21 -0.37
CA CYS A 93 -22.42 11.16 -0.26
C CYS A 93 -23.65 12.05 -0.08
C CYS A 93 -23.69 11.99 -0.02
C CYS A 93 -23.65 12.05 -0.08
N GLN A 94 -23.51 13.10 0.70
CA GLN A 94 -24.61 14.02 0.97
C GLN A 94 -24.06 15.42 1.02
N SER A 95 -24.87 16.37 0.54
CA SER A 95 -24.54 17.78 0.60
C SER A 95 -24.84 18.25 2.05
N GLU A 96 -24.01 19.16 2.59
CA GLU A 96 -24.30 19.74 3.90
C GLU A 96 -24.43 21.26 3.71
N GLY A 97 -25.38 21.66 2.88
CA GLY A 97 -25.63 23.05 2.52
C GLY A 97 -24.42 23.70 1.89
N ARG A 98 -24.06 24.88 2.36
CA ARG A 98 -22.87 25.59 1.85
C ARG A 98 -21.58 25.22 2.62
N ILE A 99 -21.67 24.45 3.73
CA ILE A 99 -20.50 24.11 4.55
C ILE A 99 -19.48 23.22 3.78
N GLY A 100 -20.00 22.20 3.13
CA GLY A 100 -19.19 21.19 2.45
C GLY A 100 -20.03 19.96 2.13
N THR A 101 -19.37 18.84 1.95
CA THR A 101 -20.05 17.59 1.65
C THR A 101 -19.55 16.52 2.63
N ARG A 102 -20.27 15.41 2.69
CA ARG A 102 -19.92 14.31 3.56
C ARG A 102 -19.93 13.03 2.72
N ARG A 103 -19.00 12.09 2.96
CA ARG A 103 -19.05 10.78 2.33
C ARG A 103 -19.12 9.80 3.50
N ASP A 104 -20.09 8.88 3.46
CA ASP A 104 -20.25 7.87 4.51
C ASP A 104 -20.00 6.47 3.96
N TRP A 105 -19.67 5.51 4.83
CA TRP A 105 -19.43 4.13 4.41
C TRP A 105 -19.93 3.17 5.48
N ILE A 106 -20.39 1.98 5.03
CA ILE A 106 -20.76 0.86 5.89
C ILE A 106 -19.98 -0.35 5.40
N LEU A 107 -19.30 -1.07 6.33
CA LEU A 107 -18.52 -2.26 5.95
C LEU A 107 -19.25 -3.48 6.48
N LYS A 108 -19.38 -4.53 5.66
CA LYS A 108 -20.06 -5.76 6.06
C LYS A 108 -19.23 -6.99 5.73
N ASP A 109 -19.43 -8.06 6.50
CA ASP A 109 -18.78 -9.34 6.21
C ASP A 109 -19.66 -9.89 5.08
N SER A 110 -19.07 -10.23 3.94
CA SER A 110 -19.85 -10.68 2.79
C SER A 110 -20.57 -12.02 3.04
N VAL A 111 -19.97 -12.91 3.85
CA VAL A 111 -20.57 -14.20 4.15
C VAL A 111 -21.75 -14.07 5.15
N THR A 112 -21.56 -13.31 6.25
CA THR A 112 -22.63 -13.20 7.26
C THR A 112 -23.62 -12.07 7.04
N GLY A 113 -23.22 -11.05 6.28
CA GLY A 113 -24.06 -9.87 6.06
C GLY A 113 -24.09 -8.91 7.24
N GLU A 114 -23.32 -9.21 8.29
CA GLU A 114 -23.20 -8.44 9.51
C GLU A 114 -22.33 -7.18 9.30
N VAL A 115 -22.73 -6.04 9.89
CA VAL A 115 -21.97 -4.78 9.83
C VAL A 115 -20.73 -4.93 10.71
N THR A 116 -19.56 -4.80 10.11
CA THR A 116 -18.29 -4.94 10.82
C THR A 116 -17.56 -3.60 11.06
N GLY A 117 -18.07 -2.52 10.45
CA GLY A 117 -17.48 -1.20 10.63
C GLY A 117 -18.29 -0.13 9.93
N ARG A 118 -18.02 1.12 10.28
CA ARG A 118 -18.66 2.29 9.65
C ARG A 118 -17.70 3.47 9.66
N ALA A 119 -17.88 4.38 8.70
CA ALA A 119 -17.00 5.54 8.62
C ALA A 119 -17.73 6.74 8.06
N THR A 120 -17.24 7.92 8.39
CA THR A 120 -17.80 9.17 7.89
C THR A 120 -16.67 10.17 7.70
N SER A 121 -16.78 11.01 6.65
CA SER A 121 -15.74 12.00 6.33
C SER A 121 -16.40 13.31 5.92
N LYS A 122 -15.83 14.43 6.36
CA LYS A 122 -16.29 15.78 6.00
C LYS A 122 -15.27 16.37 5.03
N TRP A 123 -15.76 17.01 3.98
CA TRP A 123 -14.93 17.57 2.93
C TRP A 123 -15.30 19.05 2.77
N VAL A 124 -14.28 19.90 2.56
CA VAL A 124 -14.48 21.33 2.35
C VAL A 124 -13.92 21.73 0.98
N MET A 125 -14.52 22.75 0.36
CA MET A 125 -14.09 23.24 -0.95
C MET A 125 -12.84 24.13 -0.81
N MET A 126 -11.89 24.00 -1.74
CA MET A 126 -10.69 24.83 -1.74
C MET A 126 -10.35 25.24 -3.17
N ASN A 127 -9.82 26.47 -3.35
CA ASN A 127 -9.33 26.88 -4.67
C ASN A 127 -7.98 26.19 -4.79
N GLN A 128 -7.80 25.38 -5.81
CA GLN A 128 -6.59 24.60 -6.05
C GLN A 128 -5.28 25.43 -6.14
N ASP A 129 -5.37 26.66 -6.66
CA ASP A 129 -4.20 27.51 -6.86
C ASP A 129 -3.81 28.30 -5.60
N THR A 130 -4.79 29.03 -5.00
CA THR A 130 -4.53 29.84 -3.80
C THR A 130 -4.56 29.03 -2.49
N ARG A 131 -5.14 27.82 -2.51
CA ARG A 131 -5.34 26.97 -1.34
C ARG A 131 -6.32 27.60 -0.33
N ARG A 132 -7.17 28.55 -0.78
CA ARG A 132 -8.11 29.21 0.11
C ARG A 132 -9.42 28.45 0.16
N LEU A 133 -9.90 28.17 1.40
CA LEU A 133 -11.19 27.49 1.58
C LEU A 133 -12.34 28.39 1.21
N GLN A 134 -13.48 27.78 0.82
CA GLN A 134 -14.68 28.56 0.50
C GLN A 134 -15.94 27.74 0.69
N LYS A 135 -17.09 28.43 0.67
CA LYS A 135 -18.41 27.79 0.77
C LYS A 135 -18.76 27.12 -0.58
N VAL A 136 -19.71 26.18 -0.55
CA VAL A 136 -20.13 25.47 -1.75
C VAL A 136 -21.14 26.32 -2.54
N SER A 137 -20.89 26.54 -3.85
CA SER A 137 -21.79 27.34 -4.67
C SER A 137 -23.09 26.60 -5.06
N ASP A 138 -24.12 27.35 -5.54
CA ASP A 138 -25.40 26.77 -5.99
C ASP A 138 -25.21 25.78 -7.12
N ASP A 139 -24.34 26.10 -8.11
CA ASP A 139 -24.13 25.16 -9.23
C ASP A 139 -23.56 23.82 -8.73
N VAL A 140 -22.61 23.86 -7.77
CA VAL A 140 -22.01 22.60 -7.26
C VAL A 140 -23.05 21.79 -6.47
N ARG A 141 -23.88 22.46 -5.68
CA ARG A 141 -24.92 21.77 -4.92
C ARG A 141 -25.94 21.09 -5.84
N ASP A 142 -26.23 21.71 -7.02
CA ASP A 142 -27.13 21.14 -8.01
C ASP A 142 -26.55 19.87 -8.58
N GLU A 143 -25.23 19.87 -8.88
CA GLU A 143 -24.55 18.70 -9.42
C GLU A 143 -24.55 17.56 -8.39
N TYR A 144 -24.46 17.87 -7.10
CA TYR A 144 -24.50 16.82 -6.06
C TYR A 144 -25.89 16.24 -5.86
N LEU A 145 -26.93 17.07 -6.00
CA LEU A 145 -28.32 16.61 -5.87
C LEU A 145 -28.68 15.50 -6.85
N VAL A 146 -28.01 15.44 -7.99
CA VAL A 146 -28.30 14.40 -8.98
C VAL A 146 -27.96 12.99 -8.46
N PHE A 147 -26.95 12.82 -7.59
CA PHE A 147 -26.54 11.49 -7.19
C PHE A 147 -26.50 11.23 -5.69
N CYS A 148 -27.05 12.14 -4.88
CA CYS A 148 -27.12 11.99 -3.43
C CYS A 148 -28.55 11.77 -2.96
N PRO A 149 -28.75 11.00 -1.87
CA PRO A 149 -30.10 10.91 -1.30
C PRO A 149 -30.53 12.27 -0.76
N GLN A 150 -31.80 12.65 -1.00
CA GLN A 150 -32.25 13.98 -0.58
C GLN A 150 -32.73 14.00 0.89
N GLU A 151 -33.17 12.85 1.42
CA GLU A 151 -33.50 12.69 2.84
C GLU A 151 -32.18 12.28 3.57
N PRO A 152 -31.97 12.67 4.85
CA PRO A 152 -30.68 12.33 5.50
C PRO A 152 -30.47 10.82 5.62
N ARG A 153 -29.23 10.38 5.39
CA ARG A 153 -28.82 9.00 5.51
C ARG A 153 -27.46 9.07 6.17
N LEU A 154 -27.38 8.68 7.44
CA LEU A 154 -26.14 8.82 8.22
C LEU A 154 -25.55 7.48 8.63
N ALA A 155 -24.23 7.29 8.46
CA ALA A 155 -23.57 6.10 8.99
C ALA A 155 -23.55 6.20 10.55
N PHE A 156 -23.49 7.42 11.10
CA PHE A 156 -23.47 7.69 12.53
C PHE A 156 -24.68 8.56 12.86
N PRO A 157 -25.86 7.95 12.96
CA PRO A 157 -27.06 8.76 13.24
C PRO A 157 -27.13 9.27 14.68
N GLU A 158 -26.83 8.41 15.68
CA GLU A 158 -26.87 8.70 17.13
C GLU A 158 -26.64 10.18 17.53
N GLU A 159 -27.33 10.64 18.59
CA GLU A 159 -27.28 12.02 19.07
C GLU A 159 -25.87 12.55 19.46
N ASN A 160 -25.25 12.03 20.55
CA ASN A 160 -23.94 12.53 20.97
C ASN A 160 -22.85 11.57 20.52
N ASN A 161 -22.88 11.20 19.24
CA ASN A 161 -21.91 10.24 18.72
C ASN A 161 -20.51 10.87 18.57
N ARG A 162 -19.50 10.01 18.68
CA ARG A 162 -18.07 10.37 18.66
C ARG A 162 -17.61 11.13 17.41
N SER A 163 -18.24 10.89 16.25
CA SER A 163 -17.82 11.51 14.99
C SER A 163 -17.89 13.02 14.92
N LEU A 164 -18.65 13.68 15.83
CA LEU A 164 -18.77 15.14 15.82
C LEU A 164 -18.11 15.85 17.02
N LYS A 165 -17.38 15.12 17.84
CA LYS A 165 -16.75 15.70 19.03
C LYS A 165 -15.59 16.64 18.70
N LYS A 166 -15.46 17.71 19.47
CA LYS A 166 -14.39 18.69 19.36
C LYS A 166 -13.08 18.03 19.87
N ILE A 167 -11.96 18.22 19.15
CA ILE A 167 -10.69 17.63 19.59
C ILE A 167 -9.74 18.74 20.09
N PRO A 168 -9.24 18.63 21.32
CA PRO A 168 -8.31 19.66 21.84
C PRO A 168 -6.89 19.52 21.30
N LYS A 169 -6.05 20.52 21.56
CA LYS A 169 -4.66 20.48 21.08
C LYS A 169 -3.75 19.95 22.18
N LEU A 170 -2.96 18.90 21.86
CA LEU A 170 -2.03 18.24 22.77
C LEU A 170 -1.04 19.26 23.32
N GLU A 171 -0.81 19.25 24.63
CA GLU A 171 0.10 20.21 25.29
C GLU A 171 1.49 19.58 25.46
N ASP A 172 2.56 20.32 25.18
CA ASP A 172 3.91 19.78 25.37
C ASP A 172 4.21 19.77 26.90
N PRO A 173 4.91 18.74 27.43
CA PRO A 173 5.51 17.61 26.72
C PRO A 173 4.52 16.46 26.45
N ALA A 174 4.67 15.82 25.30
CA ALA A 174 3.86 14.64 24.94
C ALA A 174 4.35 13.43 25.74
N GLN A 175 3.48 12.44 25.97
CA GLN A 175 3.90 11.24 26.69
C GLN A 175 4.77 10.35 25.79
N TYR A 176 4.37 10.24 24.50
CA TYR A 176 5.07 9.43 23.49
C TYR A 176 5.31 10.25 22.19
N SER A 177 6.35 9.89 21.42
CA SER A 177 6.61 10.58 20.17
C SER A 177 7.35 9.68 19.18
N MET A 178 7.22 9.99 17.89
CA MET A 178 7.98 9.38 16.81
C MET A 178 8.39 10.59 15.97
N ILE A 179 9.67 10.87 15.88
CA ILE A 179 10.16 12.08 15.24
C ILE A 179 10.77 11.81 13.86
N GLY A 180 10.74 12.82 12.99
CA GLY A 180 11.43 12.72 11.71
C GLY A 180 10.79 11.84 10.65
N LEU A 181 9.47 11.72 10.69
CA LEU A 181 8.73 10.94 9.68
C LEU A 181 8.74 11.69 8.33
N LYS A 182 9.04 11.01 7.23
CA LYS A 182 9.07 11.66 5.90
C LYS A 182 8.34 10.79 4.90
N PRO A 183 7.59 11.38 3.96
CA PRO A 183 6.91 10.54 2.95
C PRO A 183 7.89 10.06 1.88
N ARG A 184 7.65 8.85 1.35
CA ARG A 184 8.41 8.37 0.20
C ARG A 184 7.41 8.34 -1.01
N ARG A 185 7.88 8.02 -2.23
CA ARG A 185 7.01 8.10 -3.41
C ARG A 185 5.76 7.24 -3.29
N ALA A 186 5.84 6.08 -2.60
CA ALA A 186 4.65 5.23 -2.41
C ALA A 186 3.57 5.90 -1.56
N ASP A 187 3.93 6.92 -0.78
CA ASP A 187 2.96 7.67 0.04
C ASP A 187 2.21 8.75 -0.77
N LEU A 188 2.61 9.01 -2.03
CA LEU A 188 1.99 10.05 -2.84
C LEU A 188 0.85 9.50 -3.70
N ASP A 189 -0.14 10.35 -4.02
CA ASP A 189 -1.21 9.98 -4.91
C ASP A 189 -0.80 10.31 -6.37
N MET A 190 -1.69 10.07 -7.35
CA MET A 190 -1.38 10.33 -8.76
C MET A 190 -1.09 11.82 -9.06
N ASN A 191 -1.54 12.74 -8.19
CA ASN A 191 -1.26 14.17 -8.38
C ASN A 191 -0.02 14.64 -7.56
N GLN A 192 0.78 13.69 -7.02
CA GLN A 192 1.99 13.97 -6.25
C GLN A 192 1.72 14.69 -4.91
N HIS A 193 0.54 14.48 -4.34
CA HIS A 193 0.21 14.97 -3.01
C HIS A 193 0.28 13.78 -2.04
N VAL A 194 0.63 14.01 -0.78
CA VAL A 194 0.62 12.93 0.22
C VAL A 194 -0.80 12.36 0.37
N ASN A 195 -0.96 11.05 0.21
CA ASN A 195 -2.25 10.35 0.32
C ASN A 195 -2.81 10.56 1.75
N ASN A 196 -4.12 10.85 1.88
CA ASN A 196 -4.74 11.05 3.20
C ASN A 196 -4.47 9.92 4.19
N VAL A 197 -4.35 8.67 3.70
CA VAL A 197 -4.14 7.52 4.58
C VAL A 197 -2.74 7.53 5.25
N THR A 198 -1.74 8.13 4.58
CA THR A 198 -0.41 8.25 5.18
C THR A 198 -0.47 8.98 6.54
N TYR A 199 -1.33 10.03 6.64
CA TYR A 199 -1.43 10.76 7.93
C TYR A 199 -1.95 9.84 9.06
N ILE A 200 -2.87 8.88 8.73
CA ILE A 200 -3.33 7.92 9.74
C ILE A 200 -2.15 7.06 10.22
N GLY A 201 -1.33 6.59 9.29
CA GLY A 201 -0.15 5.79 9.65
C GLY A 201 0.80 6.56 10.56
N TRP A 202 1.07 7.82 10.20
CA TRP A 202 1.96 8.68 11.02
C TRP A 202 1.39 8.91 12.40
N VAL A 203 0.06 9.12 12.54
CA VAL A 203 -0.56 9.31 13.88
C VAL A 203 -0.28 8.07 14.76
N LEU A 204 -0.50 6.88 14.14
CA LEU A 204 -0.36 5.61 14.86
C LEU A 204 1.08 5.25 15.22
N GLU A 205 2.06 5.83 14.51
CA GLU A 205 3.47 5.53 14.79
C GLU A 205 3.91 5.86 16.23
N SER A 206 3.27 6.85 16.85
CA SER A 206 3.65 7.21 18.23
C SER A 206 2.88 6.43 19.33
N ILE A 207 2.02 5.48 18.94
CA ILE A 207 1.35 4.61 19.92
C ILE A 207 2.41 3.57 20.29
N PRO A 208 2.61 3.28 21.59
CA PRO A 208 3.60 2.24 21.95
C PRO A 208 3.25 0.88 21.34
N GLN A 209 4.27 0.11 20.95
CA GLN A 209 4.05 -1.21 20.37
C GLN A 209 3.31 -2.16 21.35
N GLU A 210 3.47 -1.97 22.69
CA GLU A 210 2.78 -2.80 23.71
C GLU A 210 1.26 -2.61 23.61
N ILE A 211 0.80 -1.39 23.30
CA ILE A 211 -0.64 -1.16 23.15
C ILE A 211 -1.11 -1.90 21.90
N VAL A 212 -0.38 -1.78 20.77
CA VAL A 212 -0.77 -2.46 19.54
C VAL A 212 -0.80 -3.98 19.71
N ASP A 213 0.16 -4.52 20.46
CA ASP A 213 0.22 -5.96 20.73
C ASP A 213 -0.88 -6.50 21.67
N THR A 214 -1.46 -5.65 22.54
CA THR A 214 -2.44 -6.12 23.52
C THR A 214 -3.87 -5.60 23.29
N HIS A 215 -4.03 -4.61 22.39
CA HIS A 215 -5.34 -4.01 22.13
C HIS A 215 -5.68 -3.99 20.65
N GLU A 216 -6.97 -3.79 20.36
CA GLU A 216 -7.42 -3.58 18.99
C GLU A 216 -7.94 -2.14 18.88
N LEU A 217 -7.62 -1.44 17.80
CA LEU A 217 -8.12 -0.09 17.58
C LEU A 217 -9.62 -0.15 17.26
N GLN A 218 -10.47 0.50 18.08
CA GLN A 218 -11.90 0.51 17.84
C GLN A 218 -12.39 1.78 17.13
N VAL A 219 -11.86 2.95 17.52
CA VAL A 219 -12.33 4.20 16.90
C VAL A 219 -11.13 5.12 16.65
N ILE A 220 -11.13 5.83 15.50
CA ILE A 220 -10.12 6.84 15.20
C ILE A 220 -10.83 8.06 14.60
N THR A 221 -10.54 9.26 15.13
CA THR A 221 -11.10 10.51 14.63
C THR A 221 -9.90 11.39 14.31
N LEU A 222 -9.81 11.84 13.07
CA LEU A 222 -8.68 12.65 12.66
C LEU A 222 -9.13 13.92 11.94
N ASP A 223 -8.69 15.10 12.41
CA ASP A 223 -8.91 16.39 11.77
C ASP A 223 -7.68 16.68 10.90
N TYR A 224 -7.90 17.19 9.69
CA TYR A 224 -6.81 17.52 8.76
C TYR A 224 -6.84 19.06 8.64
N ARG A 225 -5.71 19.73 8.87
CA ARG A 225 -5.66 21.19 8.93
C ARG A 225 -4.76 21.81 7.82
N ARG A 226 -3.72 21.07 7.45
CA ARG A 226 -2.72 21.52 6.51
C ARG A 226 -2.06 20.31 5.86
N GLU A 227 -1.62 20.48 4.63
CA GLU A 227 -0.97 19.43 3.88
C GLU A 227 0.53 19.26 4.24
N CYS A 228 1.01 18.02 4.29
CA CYS A 228 2.45 17.76 4.44
C CYS A 228 2.98 17.75 3.01
N GLN A 229 3.92 18.63 2.67
CA GLN A 229 4.48 18.61 1.31
C GLN A 229 5.45 17.42 1.15
N GLN A 230 5.79 17.05 -0.09
CA GLN A 230 6.69 15.93 -0.39
C GLN A 230 8.09 16.08 0.28
N ASP A 231 8.54 17.32 0.49
CA ASP A 231 9.84 17.59 1.12
C ASP A 231 9.74 18.03 2.62
N ASP A 232 8.55 17.88 3.24
CA ASP A 232 8.38 18.25 4.64
C ASP A 232 8.76 17.03 5.55
N VAL A 233 8.99 17.28 6.84
CA VAL A 233 9.31 16.25 7.85
C VAL A 233 8.32 16.42 9.01
N VAL A 234 7.77 15.33 9.52
CA VAL A 234 6.71 15.37 10.51
C VAL A 234 7.07 14.71 11.84
N ASP A 235 6.56 15.28 12.96
CA ASP A 235 6.69 14.66 14.27
C ASP A 235 5.29 14.24 14.69
N SER A 236 5.18 13.02 15.24
CA SER A 236 3.92 12.43 15.68
C SER A 236 3.98 12.35 17.21
N LEU A 237 3.02 13.01 17.89
CA LEU A 237 2.96 13.12 19.34
C LEU A 237 1.67 12.48 19.88
N THR A 238 1.76 11.74 20.99
CA THR A 238 0.61 11.07 21.59
C THR A 238 0.68 11.15 23.14
N THR A 239 -0.47 11.35 23.79
CA THR A 239 -0.58 11.36 25.26
C THR A 239 -1.82 10.54 25.64
N THR A 240 -1.72 9.64 26.64
CA THR A 240 -2.87 8.87 27.08
C THR A 240 -3.84 9.80 27.80
N THR A 241 -5.15 9.71 27.50
CA THR A 241 -6.16 10.51 28.21
C THR A 241 -7.11 9.65 29.06
N SER A 242 -7.03 8.31 28.96
CA SER A 242 -7.86 7.47 29.81
C SER A 242 -7.20 7.31 31.21
N ASN A 259 -10.84 -1.37 30.87
CA ASN A 259 -10.51 -2.21 29.71
C ASN A 259 -10.31 -1.43 28.40
N ASP A 260 -10.56 -0.11 28.40
CA ASP A 260 -10.36 0.71 27.21
C ASP A 260 -9.21 1.72 27.46
N SER A 261 -8.45 2.04 26.41
CA SER A 261 -7.38 3.05 26.49
C SER A 261 -7.69 4.10 25.41
N GLN A 262 -7.58 5.40 25.76
CA GLN A 262 -7.84 6.49 24.82
C GLN A 262 -6.61 7.37 24.74
N PHE A 263 -6.33 7.91 23.55
CA PHE A 263 -5.16 8.75 23.34
C PHE A 263 -5.54 10.02 22.62
N LEU A 264 -4.76 11.08 22.84
CA LEU A 264 -4.90 12.35 22.11
C LEU A 264 -3.64 12.42 21.20
N HIS A 265 -3.79 12.86 19.94
CA HIS A 265 -2.71 12.87 18.97
C HIS A 265 -2.52 14.22 18.34
N LEU A 266 -1.27 14.50 17.95
CA LEU A 266 -0.93 15.71 17.23
C LEU A 266 0.21 15.40 16.25
N LEU A 267 0.06 15.78 14.96
CA LEU A 267 1.10 15.73 13.95
C LEU A 267 1.46 17.19 13.67
N ARG A 268 2.75 17.48 13.67
CA ARG A 268 3.21 18.83 13.38
C ARG A 268 4.51 18.78 12.57
N LEU A 269 4.79 19.84 11.81
CA LEU A 269 6.01 19.87 10.99
C LEU A 269 7.22 19.96 11.94
N SER A 270 8.23 19.16 11.69
CA SER A 270 9.41 19.00 12.53
C SER A 270 10.17 20.27 12.81
N GLY A 271 10.18 21.16 11.85
CA GLY A 271 10.93 22.39 11.98
C GLY A 271 10.21 23.40 12.84
N ASP A 272 9.30 24.14 12.21
CA ASP A 272 8.59 25.23 12.87
C ASP A 272 7.47 24.80 13.84
N GLY A 273 7.07 23.54 13.84
CA GLY A 273 6.02 23.09 14.75
C GLY A 273 4.59 23.38 14.29
N GLN A 274 4.43 23.72 12.99
CA GLN A 274 3.10 23.98 12.45
C GLN A 274 2.21 22.74 12.53
N GLU A 275 0.99 22.88 13.10
CA GLU A 275 0.08 21.76 13.18
C GLU A 275 -0.41 21.32 11.78
N ILE A 276 -0.39 19.99 11.50
CA ILE A 276 -0.96 19.50 10.26
C ILE A 276 -2.24 18.66 10.54
N ASN A 277 -2.28 17.94 11.70
CA ASN A 277 -3.44 17.11 12.11
C ASN A 277 -3.53 17.02 13.61
N ARG A 278 -4.73 16.76 14.12
CA ARG A 278 -4.97 16.40 15.51
C ARG A 278 -6.02 15.28 15.51
N GLY A 279 -5.99 14.39 16.50
CA GLY A 279 -6.96 13.30 16.54
C GLY A 279 -7.01 12.54 17.84
N THR A 280 -7.92 11.59 17.91
CA THR A 280 -8.07 10.75 19.10
C THR A 280 -8.25 9.31 18.64
N THR A 281 -7.80 8.35 19.47
CA THR A 281 -8.02 6.94 19.19
C THR A 281 -8.56 6.24 20.46
N LEU A 282 -9.43 5.25 20.29
CA LEU A 282 -9.96 4.46 21.41
C LEU A 282 -9.60 3.00 21.10
N TRP A 283 -9.00 2.30 22.08
CA TRP A 283 -8.51 0.94 21.90
C TRP A 283 -9.15 0.02 22.96
N ARG A 284 -9.54 -1.20 22.57
CA ARG A 284 -10.10 -2.13 23.54
C ARG A 284 -9.15 -3.30 23.75
N LYS A 285 -8.98 -3.75 25.00
CA LYS A 285 -8.09 -4.89 25.29
C LYS A 285 -8.59 -6.14 24.59
N LYS A 286 -7.67 -6.92 23.98
CA LYS A 286 -8.05 -8.14 23.28
C LYS A 286 -8.54 -9.16 24.30
N GLY B 2 -8.72 -16.17 -8.24
CA GLY B 2 -7.56 -16.88 -8.79
C GLY B 2 -7.73 -18.38 -8.72
N SER B 3 -6.93 -19.11 -9.51
CA SER B 3 -7.04 -20.55 -9.54
C SER B 3 -5.80 -21.19 -10.11
N LEU B 4 -5.54 -22.45 -9.71
CA LEU B 4 -4.50 -23.25 -10.35
C LEU B 4 -4.97 -23.52 -11.79
N THR B 5 -4.02 -23.63 -12.72
CA THR B 5 -4.32 -23.96 -14.10
C THR B 5 -4.73 -25.46 -14.19
N GLU B 6 -5.23 -25.88 -15.36
CA GLU B 6 -5.68 -27.24 -15.59
C GLU B 6 -4.70 -28.33 -15.12
N ASP B 7 -3.39 -28.20 -15.43
CA ASP B 7 -2.41 -29.20 -15.03
C ASP B 7 -1.99 -29.13 -13.53
N GLY B 8 -2.43 -28.10 -12.82
CA GLY B 8 -2.13 -27.90 -11.41
C GLY B 8 -0.68 -27.49 -11.12
N LEU B 9 0.07 -27.10 -12.17
CA LEU B 9 1.50 -26.75 -12.04
C LEU B 9 1.80 -25.23 -12.09
N SER B 10 0.75 -24.39 -12.23
CA SER B 10 0.90 -22.93 -12.17
C SER B 10 -0.41 -22.32 -11.67
N TYR B 11 -0.39 -21.03 -11.37
CA TYR B 11 -1.55 -20.36 -10.78
C TYR B 11 -1.78 -19.03 -11.48
N LYS B 12 -3.04 -18.64 -11.68
CA LYS B 12 -3.35 -17.36 -12.33
C LYS B 12 -4.32 -16.58 -11.52
N GLU B 13 -4.16 -15.26 -11.52
CA GLU B 13 -5.09 -14.39 -10.81
C GLU B 13 -5.19 -13.06 -11.54
N LYS B 14 -6.38 -12.48 -11.52
CA LYS B 14 -6.66 -11.19 -12.16
C LYS B 14 -6.78 -10.10 -11.10
N PHE B 15 -6.24 -8.92 -11.39
CA PHE B 15 -6.31 -7.77 -10.45
C PHE B 15 -6.76 -6.53 -11.20
N VAL B 16 -7.67 -5.74 -10.59
CA VAL B 16 -8.12 -4.46 -11.14
C VAL B 16 -7.22 -3.40 -10.47
N VAL B 17 -6.45 -2.63 -11.25
CA VAL B 17 -5.55 -1.61 -10.68
C VAL B 17 -6.34 -0.49 -9.93
N ARG B 18 -5.99 -0.25 -8.64
CA ARG B 18 -6.68 0.70 -7.77
C ARG B 18 -6.20 2.15 -7.90
N SER B 19 -7.06 3.12 -7.52
CA SER B 19 -6.73 4.54 -7.54
C SER B 19 -5.44 4.86 -6.79
N TYR B 20 -5.25 4.32 -5.55
CA TYR B 20 -4.05 4.65 -4.75
C TYR B 20 -2.77 3.86 -5.16
N GLU B 21 -2.93 2.93 -6.13
CA GLU B 21 -1.82 2.09 -6.61
C GLU B 21 -1.04 2.69 -7.79
N VAL B 22 -1.51 3.82 -8.34
CA VAL B 22 -0.91 4.43 -9.52
C VAL B 22 -0.10 5.68 -9.20
N GLY B 23 0.86 5.97 -10.07
CA GLY B 23 1.69 7.16 -9.96
C GLY B 23 1.23 8.29 -10.87
N SER B 24 2.11 9.29 -11.15
CA SER B 24 1.76 10.48 -11.93
C SER B 24 1.25 10.23 -13.38
N ASN B 25 1.63 9.12 -14.03
CA ASN B 25 1.13 8.79 -15.38
C ASN B 25 -0.21 7.99 -15.33
N LYS B 26 -0.82 7.86 -14.14
CA LYS B 26 -2.04 7.10 -13.95
C LYS B 26 -1.87 5.62 -14.28
N THR B 27 -0.63 5.08 -14.14
CA THR B 27 -0.35 3.66 -14.31
C THR B 27 0.26 3.11 -13.00
N ALA B 28 0.13 1.79 -12.80
CA ALA B 28 0.62 1.14 -11.58
C ALA B 28 2.10 1.41 -11.34
N THR B 29 2.50 1.69 -10.08
CA THR B 29 3.93 1.88 -9.77
C THR B 29 4.63 0.51 -9.81
N VAL B 30 5.98 0.47 -9.85
CA VAL B 30 6.67 -0.83 -9.82
C VAL B 30 6.44 -1.48 -8.41
N GLU B 31 6.21 -0.67 -7.34
CA GLU B 31 5.94 -1.24 -6.01
C GLU B 31 4.56 -1.91 -6.00
N THR B 32 3.57 -1.32 -6.70
CA THR B 32 2.27 -1.98 -6.84
C THR B 32 2.44 -3.31 -7.57
N ILE B 33 3.19 -3.33 -8.70
CA ILE B 33 3.45 -4.59 -9.42
C ILE B 33 4.10 -5.62 -8.48
N ALA B 34 5.16 -5.23 -7.75
CA ALA B 34 5.84 -6.15 -6.81
C ALA B 34 4.90 -6.68 -5.68
N ASN B 35 3.96 -5.84 -5.20
CA ASN B 35 2.98 -6.30 -4.19
C ASN B 35 2.01 -7.35 -4.85
N LEU B 36 1.56 -7.09 -6.09
CA LEU B 36 0.67 -8.05 -6.81
C LEU B 36 1.42 -9.39 -7.04
N LEU B 37 2.75 -9.31 -7.36
CA LEU B 37 3.55 -10.53 -7.53
C LEU B 37 3.57 -11.33 -6.22
N GLN B 38 3.79 -10.64 -5.07
CA GLN B 38 3.78 -11.31 -3.75
C GLN B 38 2.41 -11.94 -3.49
N GLU B 39 1.32 -11.20 -3.75
CA GLU B 39 -0.04 -11.67 -3.49
C GLU B 39 -0.37 -12.93 -4.28
N VAL B 40 -0.06 -12.93 -5.59
CA VAL B 40 -0.35 -14.13 -6.40
C VAL B 40 0.56 -15.31 -5.95
N GLY B 41 1.82 -15.03 -5.56
CA GLY B 41 2.68 -16.06 -5.00
C GLY B 41 2.10 -16.69 -3.74
N CYS B 42 1.53 -15.85 -2.83
CA CYS B 42 0.92 -16.35 -1.59
C CYS B 42 -0.33 -17.19 -1.90
N ASN B 43 -1.17 -16.72 -2.84
CA ASN B 43 -2.39 -17.47 -3.20
C ASN B 43 -2.04 -18.83 -3.83
N HIS B 44 -0.95 -18.88 -4.59
CA HIS B 44 -0.47 -20.12 -5.18
C HIS B 44 -0.04 -21.09 -4.04
N ALA B 45 0.79 -20.62 -3.09
CA ALA B 45 1.26 -21.45 -1.96
C ALA B 45 0.06 -21.99 -1.16
N GLN B 46 -0.94 -21.15 -0.90
CA GLN B 46 -2.14 -21.57 -0.17
C GLN B 46 -2.88 -22.67 -0.93
N SER B 47 -3.03 -22.48 -2.25
CA SER B 47 -3.75 -23.44 -3.09
C SER B 47 -3.10 -24.83 -3.14
N VAL B 48 -1.78 -24.92 -2.99
CA VAL B 48 -1.10 -26.23 -3.03
C VAL B 48 -0.76 -26.79 -1.63
N GLY B 49 -1.37 -26.25 -0.58
CA GLY B 49 -1.21 -26.79 0.77
C GLY B 49 -0.16 -26.23 1.70
N PHE B 50 0.35 -25.01 1.44
CA PHE B 50 1.35 -24.42 2.32
C PHE B 50 0.75 -23.91 3.65
N SER B 51 1.62 -23.66 4.66
CA SER B 51 1.27 -23.19 5.99
C SER B 51 0.32 -21.98 5.95
N ALA B 56 4.85 -19.31 4.79
CA ALA B 56 4.85 -20.07 3.54
C ALA B 56 5.90 -21.19 3.61
N THR B 57 5.73 -22.10 4.55
CA THR B 57 6.66 -23.20 4.75
C THR B 57 5.98 -24.56 4.47
N THR B 58 6.80 -25.57 4.17
CA THR B 58 6.30 -26.92 4.01
C THR B 58 6.27 -27.60 5.43
N THR B 59 5.73 -28.82 5.51
CA THR B 59 5.67 -29.60 6.75
C THR B 59 7.08 -29.86 7.30
N THR B 60 8.02 -30.25 6.45
CA THR B 60 9.41 -30.51 6.85
C THR B 60 10.08 -29.23 7.35
N MET B 61 9.86 -28.10 6.64
CA MET B 61 10.44 -26.82 7.05
C MET B 61 9.98 -26.42 8.45
N ARG B 62 8.68 -26.63 8.73
CA ARG B 62 8.09 -26.33 10.04
C ARG B 62 8.73 -27.18 11.15
N LYS B 63 8.97 -28.46 10.86
CA LYS B 63 9.59 -29.39 11.80
C LYS B 63 11.05 -28.99 12.10
N LEU B 64 11.75 -28.47 11.08
CA LEU B 64 13.15 -28.08 11.24
C LEU B 64 13.41 -26.58 11.48
N HIS B 65 12.36 -25.77 11.69
CA HIS B 65 12.44 -24.31 11.90
C HIS B 65 13.14 -23.59 10.73
N LEU B 66 12.81 -24.00 9.49
CA LEU B 66 13.36 -23.40 8.28
C LEU B 66 12.37 -22.48 7.58
N ILE B 67 12.88 -21.43 6.91
CA ILE B 67 12.10 -20.46 6.14
C ILE B 67 12.85 -20.11 4.82
N TRP B 68 12.11 -19.55 3.85
CA TRP B 68 12.71 -19.06 2.62
C TRP B 68 12.91 -17.58 2.76
N VAL B 69 14.03 -17.07 2.24
CA VAL B 69 14.28 -15.64 2.16
C VAL B 69 14.68 -15.29 0.72
N THR B 70 14.26 -14.11 0.24
CA THR B 70 14.61 -13.72 -1.13
C THR B 70 16.08 -13.38 -1.22
N ALA B 71 16.77 -13.91 -2.23
CA ALA B 71 18.14 -13.55 -2.48
C ALA B 71 18.16 -12.49 -3.62
N ARG B 72 17.24 -12.60 -4.60
CA ARG B 72 17.23 -11.71 -5.74
C ARG B 72 15.85 -11.61 -6.33
N MET B 73 15.48 -10.40 -6.77
CA MET B 73 14.22 -10.13 -7.46
C MET B 73 14.61 -9.40 -8.77
N HIS B 74 14.07 -9.82 -9.91
CA HIS B 74 14.35 -9.19 -11.20
C HIS B 74 12.99 -8.98 -11.92
N ILE B 75 12.67 -7.73 -12.26
CA ILE B 75 11.39 -7.43 -12.91
C ILE B 75 11.63 -6.62 -14.18
N GLU B 76 10.94 -6.99 -15.28
N GLU B 76 10.94 -6.99 -15.28
N GLU B 76 10.94 -6.99 -15.28
CA GLU B 76 10.98 -6.25 -16.53
CA GLU B 76 10.98 -6.27 -16.54
CA GLU B 76 10.98 -6.25 -16.53
C GLU B 76 9.55 -5.92 -16.94
C GLU B 76 9.54 -5.93 -16.94
C GLU B 76 9.55 -5.92 -16.94
N ILE B 77 9.25 -4.63 -17.13
CA ILE B 77 7.91 -4.19 -17.51
C ILE B 77 7.95 -3.51 -18.87
N TYR B 78 7.08 -3.95 -19.80
CA TYR B 78 6.95 -3.37 -21.14
C TYR B 78 5.88 -2.28 -21.14
N LYS B 79 4.78 -2.51 -20.39
CA LYS B 79 3.68 -1.56 -20.25
C LYS B 79 3.11 -1.69 -18.85
N TYR B 80 3.03 -0.57 -18.11
CA TYR B 80 2.40 -0.58 -16.79
C TYR B 80 0.88 -0.46 -16.98
N PRO B 81 0.11 -1.27 -16.23
CA PRO B 81 -1.36 -1.21 -16.41
C PRO B 81 -1.93 0.08 -15.86
N ALA B 82 -2.94 0.64 -16.53
CA ALA B 82 -3.54 1.90 -16.11
C ALA B 82 -4.53 1.66 -14.96
N TRP B 83 -4.85 2.71 -14.22
CA TRP B 83 -5.88 2.74 -13.18
C TRP B 83 -7.22 2.17 -13.78
N GLY B 84 -7.79 1.15 -13.15
CA GLY B 84 -9.03 0.54 -13.64
C GLY B 84 -8.85 -0.62 -14.61
N ASP B 85 -7.61 -0.78 -15.15
CA ASP B 85 -7.31 -1.90 -16.05
C ASP B 85 -7.22 -3.22 -15.27
N VAL B 86 -7.44 -4.34 -15.98
CA VAL B 86 -7.36 -5.65 -15.35
C VAL B 86 -6.07 -6.29 -15.85
N VAL B 87 -5.20 -6.73 -14.93
CA VAL B 87 -3.95 -7.39 -15.29
C VAL B 87 -4.03 -8.86 -14.83
N GLU B 88 -3.62 -9.81 -15.67
CA GLU B 88 -3.64 -11.23 -15.27
C GLU B 88 -2.20 -11.65 -15.05
N ILE B 89 -1.94 -12.29 -13.91
CA ILE B 89 -0.59 -12.71 -13.58
C ILE B 89 -0.56 -14.22 -13.38
N GLU B 90 0.35 -14.89 -14.08
CA GLU B 90 0.52 -16.34 -13.93
C GLU B 90 1.85 -16.55 -13.19
N THR B 91 1.87 -17.45 -12.20
CA THR B 91 3.10 -17.74 -11.44
C THR B 91 3.30 -19.24 -11.27
N TRP B 92 4.56 -19.62 -11.12
CA TRP B 92 4.95 -21.00 -10.89
C TRP B 92 6.32 -21.03 -10.19
N CYS B 93 6.66 -22.17 -9.58
CA CYS B 93 7.92 -22.35 -8.85
C CYS B 93 8.72 -23.46 -9.49
N GLN B 94 10.02 -23.47 -9.26
CA GLN B 94 10.88 -24.56 -9.70
C GLN B 94 11.99 -24.76 -8.67
N SER B 95 12.39 -26.01 -8.44
CA SER B 95 13.52 -26.31 -7.58
C SER B 95 14.80 -26.06 -8.40
N GLU B 96 15.86 -25.58 -7.75
CA GLU B 96 17.14 -25.42 -8.42
C GLU B 96 18.17 -26.27 -7.65
N GLY B 97 17.93 -27.58 -7.65
CA GLY B 97 18.75 -28.56 -6.93
C GLY B 97 18.82 -28.25 -5.45
N ARG B 98 20.01 -28.24 -4.89
CA ARG B 98 20.22 -27.91 -3.47
C ARG B 98 20.47 -26.41 -3.23
N ILE B 99 20.63 -25.59 -4.29
CA ILE B 99 20.92 -24.16 -4.15
C ILE B 99 19.76 -23.38 -3.49
N GLY B 100 18.57 -23.64 -3.97
CA GLY B 100 17.37 -22.92 -3.52
C GLY B 100 16.22 -23.17 -4.48
N THR B 101 15.27 -22.25 -4.50
CA THR B 101 14.11 -22.36 -5.37
C THR B 101 13.95 -21.04 -6.13
N ARG B 102 13.13 -21.06 -7.16
CA ARG B 102 12.88 -19.91 -7.98
C ARG B 102 11.35 -19.75 -8.12
N ARG B 103 10.83 -18.52 -8.12
CA ARG B 103 9.42 -18.29 -8.42
C ARG B 103 9.46 -17.34 -9.62
N ASP B 104 8.70 -17.67 -10.68
CA ASP B 104 8.64 -16.85 -11.87
C ASP B 104 7.23 -16.32 -12.08
N TRP B 105 7.08 -15.22 -12.82
CA TRP B 105 5.77 -14.64 -13.11
C TRP B 105 5.72 -14.08 -14.53
N ILE B 106 4.52 -14.13 -15.15
CA ILE B 106 4.24 -13.48 -16.43
C ILE B 106 3.02 -12.59 -16.22
N LEU B 107 3.09 -11.32 -16.63
N LEU B 107 3.09 -11.33 -16.65
N LEU B 107 3.09 -11.32 -16.63
CA LEU B 107 1.97 -10.39 -16.50
CA LEU B 107 1.98 -10.38 -16.51
CA LEU B 107 1.97 -10.39 -16.50
C LEU B 107 1.38 -10.15 -17.89
C LEU B 107 1.38 -10.14 -17.89
C LEU B 107 1.38 -10.15 -17.89
N LYS B 108 0.05 -10.17 -18.01
CA LYS B 108 -0.63 -9.96 -19.29
C LYS B 108 -1.77 -8.95 -19.16
N ASP B 109 -2.07 -8.25 -20.24
CA ASP B 109 -3.21 -7.34 -20.28
C ASP B 109 -4.38 -8.30 -20.48
N SER B 110 -5.39 -8.26 -19.59
CA SER B 110 -6.49 -9.21 -19.67
C SER B 110 -7.36 -9.03 -20.94
N VAL B 111 -7.48 -7.80 -21.44
CA VAL B 111 -8.26 -7.53 -22.65
C VAL B 111 -7.54 -7.98 -23.93
N THR B 112 -6.24 -7.66 -24.07
CA THR B 112 -5.52 -8.02 -25.29
C THR B 112 -4.82 -9.37 -25.26
N GLY B 113 -4.54 -9.89 -24.07
CA GLY B 113 -3.82 -11.15 -23.92
C GLY B 113 -2.31 -11.03 -24.15
N GLU B 114 -1.85 -9.80 -24.40
CA GLU B 114 -0.45 -9.47 -24.65
C GLU B 114 0.37 -9.47 -23.35
N VAL B 115 1.62 -9.98 -23.40
CA VAL B 115 2.53 -9.99 -22.26
C VAL B 115 3.03 -8.56 -22.02
N THR B 116 2.74 -8.03 -20.86
CA THR B 116 3.13 -6.66 -20.49
C THR B 116 4.31 -6.60 -19.50
N GLY B 117 4.70 -7.75 -18.96
CA GLY B 117 5.83 -7.81 -18.04
C GLY B 117 6.19 -9.23 -17.63
N ARG B 118 7.36 -9.40 -17.05
N ARG B 118 7.36 -9.40 -17.05
N ARG B 118 7.35 -9.39 -17.03
CA ARG B 118 7.82 -10.69 -16.56
CA ARG B 118 7.82 -10.69 -16.56
CA ARG B 118 7.80 -10.68 -16.53
C ARG B 118 8.76 -10.51 -15.36
C ARG B 118 8.76 -10.51 -15.36
C ARG B 118 8.71 -10.48 -15.32
N ALA B 119 8.79 -11.49 -14.46
CA ALA B 119 9.64 -11.39 -13.27
C ALA B 119 10.17 -12.75 -12.84
N THR B 120 11.28 -12.73 -12.12
CA THR B 120 11.89 -13.93 -11.59
C THR B 120 12.54 -13.62 -10.25
N SER B 121 12.48 -14.58 -9.32
CA SER B 121 13.03 -14.38 -7.97
C SER B 121 13.73 -15.66 -7.52
N LYS B 122 14.88 -15.50 -6.86
CA LYS B 122 15.66 -16.62 -6.31
C LYS B 122 15.48 -16.59 -4.78
N TRP B 123 15.27 -17.74 -4.19
CA TRP B 123 15.01 -17.87 -2.75
C TRP B 123 16.02 -18.88 -2.18
N VAL B 124 16.54 -18.58 -0.98
CA VAL B 124 17.48 -19.47 -0.30
C VAL B 124 16.91 -19.88 1.07
N MET B 125 17.26 -21.08 1.52
CA MET B 125 16.78 -21.61 2.80
C MET B 125 17.57 -20.99 3.96
N MET B 126 16.88 -20.69 5.05
CA MET B 126 17.53 -20.13 6.23
C MET B 126 16.92 -20.76 7.50
N ASN B 127 17.73 -20.99 8.54
CA ASN B 127 17.18 -21.44 9.82
C ASN B 127 16.59 -20.16 10.43
N GLN B 128 15.30 -20.13 10.79
CA GLN B 128 14.71 -18.88 11.28
C GLN B 128 15.23 -18.40 12.65
N ASP B 129 15.80 -19.29 13.47
CA ASP B 129 16.31 -18.93 14.80
C ASP B 129 17.75 -18.38 14.70
N THR B 130 18.67 -19.12 14.06
CA THR B 130 20.07 -18.71 13.93
C THR B 130 20.33 -17.73 12.77
N ARG B 131 19.39 -17.65 11.80
CA ARG B 131 19.52 -16.86 10.59
C ARG B 131 20.66 -17.37 9.69
N ARG B 132 21.06 -18.65 9.83
CA ARG B 132 22.11 -19.22 9.02
C ARG B 132 21.53 -19.84 7.75
N LEU B 133 22.11 -19.48 6.58
CA LEU B 133 21.69 -20.06 5.30
C LEU B 133 22.10 -21.51 5.19
N GLN B 134 21.37 -22.28 4.37
CA GLN B 134 21.73 -23.68 4.14
C GLN B 134 21.21 -24.18 2.81
N LYS B 135 21.69 -25.37 2.40
CA LYS B 135 21.25 -26.04 1.18
C LYS B 135 19.86 -26.67 1.39
N VAL B 136 19.14 -26.96 0.30
CA VAL B 136 17.80 -27.55 0.43
C VAL B 136 17.93 -29.07 0.61
N SER B 137 17.25 -29.62 1.62
CA SER B 137 17.30 -31.06 1.90
C SER B 137 16.47 -31.89 0.91
N ASP B 138 16.69 -33.23 0.87
CA ASP B 138 15.94 -34.15 0.02
C ASP B 138 14.46 -34.12 0.31
N ASP B 139 14.06 -34.10 1.59
CA ASP B 139 12.62 -34.06 1.93
C ASP B 139 11.95 -32.79 1.36
N VAL B 140 12.62 -31.63 1.44
CA VAL B 140 12.06 -30.38 0.91
C VAL B 140 11.91 -30.41 -0.62
N ARG B 141 12.92 -30.92 -1.32
CA ARG B 141 12.85 -31.04 -2.77
C ARG B 141 11.71 -31.97 -3.20
N ASP B 142 11.43 -33.02 -2.41
CA ASP B 142 10.33 -33.95 -2.71
C ASP B 142 9.00 -33.24 -2.63
N GLU B 143 8.82 -32.37 -1.60
CA GLU B 143 7.59 -31.61 -1.44
C GLU B 143 7.37 -30.62 -2.60
N TYR B 144 8.45 -30.03 -3.11
CA TYR B 144 8.34 -29.10 -4.23
C TYR B 144 8.03 -29.82 -5.54
N LEU B 145 8.57 -31.04 -5.72
CA LEU B 145 8.29 -31.81 -6.94
C LEU B 145 6.81 -32.09 -7.16
N VAL B 146 6.01 -32.11 -6.10
CA VAL B 146 4.58 -32.38 -6.24
C VAL B 146 3.84 -31.23 -6.97
N PHE B 147 4.33 -29.97 -6.88
CA PHE B 147 3.58 -28.85 -7.47
C PHE B 147 4.39 -27.99 -8.45
N CYS B 148 5.58 -28.43 -8.85
CA CYS B 148 6.41 -27.71 -9.80
C CYS B 148 6.54 -28.46 -11.11
N PRO B 149 6.67 -27.75 -12.25
CA PRO B 149 6.93 -28.45 -13.52
C PRO B 149 8.30 -29.11 -13.43
N GLN B 150 8.42 -30.34 -13.96
CA GLN B 150 9.69 -31.07 -13.84
C GLN B 150 10.67 -30.72 -14.99
N GLU B 151 10.14 -30.30 -16.15
CA GLU B 151 10.93 -29.78 -17.27
C GLU B 151 11.13 -28.26 -17.03
N PRO B 152 12.26 -27.63 -17.44
CA PRO B 152 12.45 -26.21 -17.13
C PRO B 152 11.41 -25.32 -17.78
N ARG B 153 10.96 -24.30 -17.05
CA ARG B 153 9.98 -23.33 -17.53
C ARG B 153 10.50 -22.01 -16.98
N LEU B 154 11.05 -21.17 -17.86
CA LEU B 154 11.68 -19.92 -17.42
C LEU B 154 10.94 -18.68 -17.93
N ALA B 155 10.71 -17.68 -17.05
CA ALA B 155 10.18 -16.41 -17.51
C ALA B 155 11.27 -15.68 -18.33
N PHE B 156 12.57 -15.91 -18.02
CA PHE B 156 13.70 -15.31 -18.72
C PHE B 156 14.55 -16.45 -19.28
N PRO B 157 14.14 -17.03 -20.40
CA PRO B 157 14.89 -18.15 -20.95
C PRO B 157 16.22 -17.73 -21.60
N GLU B 158 16.22 -16.68 -22.44
CA GLU B 158 17.36 -16.14 -23.19
C GLU B 158 18.73 -16.35 -22.54
N GLU B 159 19.73 -16.80 -23.33
CA GLU B 159 21.07 -17.03 -22.79
C GLU B 159 21.72 -15.69 -22.42
N ASN B 160 22.39 -15.66 -21.25
CA ASN B 160 23.05 -14.49 -20.69
C ASN B 160 22.12 -13.27 -20.55
N ASN B 161 20.88 -13.49 -20.11
CA ASN B 161 19.92 -12.41 -19.94
C ASN B 161 20.21 -11.56 -18.68
N ARG B 162 19.57 -10.38 -18.55
CA ARG B 162 19.82 -9.45 -17.45
C ARG B 162 19.60 -10.03 -16.04
N SER B 163 18.64 -10.96 -15.89
CA SER B 163 18.29 -11.52 -14.58
C SER B 163 19.40 -12.27 -13.86
N LEU B 164 20.47 -12.69 -14.56
CA LEU B 164 21.57 -13.44 -13.95
C LEU B 164 22.90 -12.65 -13.86
N LYS B 165 22.90 -11.36 -14.19
CA LYS B 165 24.12 -10.56 -14.20
C LYS B 165 24.63 -10.28 -12.80
N LYS B 166 25.96 -10.27 -12.63
CA LYS B 166 26.64 -9.96 -11.38
C LYS B 166 26.51 -8.44 -11.13
N ILE B 167 26.19 -8.03 -9.89
CA ILE B 167 26.05 -6.60 -9.59
C ILE B 167 27.23 -6.13 -8.70
N PRO B 168 27.98 -5.11 -9.14
CA PRO B 168 29.10 -4.63 -8.33
C PRO B 168 28.67 -3.74 -7.15
N LYS B 169 29.62 -3.42 -6.26
CA LYS B 169 29.31 -2.60 -5.10
C LYS B 169 29.63 -1.14 -5.40
N LEU B 170 28.65 -0.24 -5.20
CA LEU B 170 28.76 1.19 -5.45
C LEU B 170 29.92 1.75 -4.60
N GLU B 171 30.78 2.56 -5.22
CA GLU B 171 31.94 3.16 -4.54
C GLU B 171 31.61 4.58 -4.04
N ASP B 172 32.00 4.92 -2.82
CA ASP B 172 31.75 6.27 -2.30
C ASP B 172 32.73 7.24 -3.00
N PRO B 173 32.32 8.48 -3.34
CA PRO B 173 31.00 9.08 -3.08
C PRO B 173 29.94 8.71 -4.12
N ALA B 174 28.70 8.55 -3.68
CA ALA B 174 27.56 8.28 -4.57
C ALA B 174 27.18 9.58 -5.30
N GLN B 175 26.58 9.46 -6.49
CA GLN B 175 26.15 10.67 -7.21
C GLN B 175 24.91 11.27 -6.57
N TYR B 176 23.97 10.39 -6.12
CA TYR B 176 22.72 10.78 -5.48
C TYR B 176 22.49 9.98 -4.18
N SER B 177 21.72 10.56 -3.23
CA SER B 177 21.43 9.83 -2.00
C SER B 177 20.12 10.30 -1.37
N MET B 178 19.50 9.42 -0.56
CA MET B 178 18.35 9.77 0.26
C MET B 178 18.73 9.13 1.61
N ILE B 179 18.91 9.93 2.63
CA ILE B 179 19.40 9.44 3.92
C ILE B 179 18.30 9.35 4.98
N GLY B 180 18.49 8.47 5.96
CA GLY B 180 17.59 8.41 7.10
C GLY B 180 16.24 7.79 6.87
N LEU B 181 16.13 6.88 5.92
CA LEU B 181 14.87 6.16 5.65
C LEU B 181 14.56 5.19 6.80
N LYS B 182 13.32 5.18 7.29
CA LYS B 182 12.94 4.28 8.39
C LYS B 182 11.61 3.62 8.07
N PRO B 183 11.43 2.34 8.41
CA PRO B 183 10.13 1.70 8.13
C PRO B 183 9.08 2.13 9.17
N ARG B 184 7.82 2.21 8.73
CA ARG B 184 6.71 2.45 9.66
C ARG B 184 5.87 1.12 9.68
N ARG B 185 4.84 1.03 10.53
CA ARG B 185 4.10 -0.23 10.67
C ARG B 185 3.53 -0.74 9.37
N ALA B 186 3.11 0.18 8.45
CA ALA B 186 2.57 -0.24 7.14
C ALA B 186 3.61 -0.95 6.28
N ASP B 187 4.90 -0.75 6.59
CA ASP B 187 5.99 -1.43 5.84
C ASP B 187 6.25 -2.85 6.33
N LEU B 188 5.63 -3.27 7.43
CA LEU B 188 5.86 -4.61 7.99
C LEU B 188 4.88 -5.63 7.46
N ASP B 189 5.28 -6.91 7.42
CA ASP B 189 4.39 -7.99 7.06
C ASP B 189 3.69 -8.54 8.34
N MET B 190 2.85 -9.58 8.20
CA MET B 190 2.13 -10.15 9.35
C MET B 190 3.06 -10.72 10.43
N ASN B 191 4.32 -11.05 10.09
CA ASN B 191 5.27 -11.56 11.08
C ASN B 191 6.19 -10.43 11.65
N GLN B 192 5.85 -9.16 11.40
CA GLN B 192 6.58 -7.99 11.88
C GLN B 192 7.98 -7.86 11.27
N HIS B 193 8.19 -8.38 10.07
CA HIS B 193 9.43 -8.20 9.32
C HIS B 193 9.16 -7.14 8.23
N VAL B 194 10.18 -6.37 7.85
CA VAL B 194 10.03 -5.41 6.75
C VAL B 194 9.67 -6.16 5.44
N ASN B 195 8.57 -5.78 4.80
CA ASN B 195 8.09 -6.38 3.54
C ASN B 195 9.18 -6.22 2.45
N ASN B 196 9.44 -7.27 1.65
CA ASN B 196 10.45 -7.19 0.58
C ASN B 196 10.26 -6.00 -0.37
N VAL B 197 9.00 -5.59 -0.61
CA VAL B 197 8.70 -4.49 -1.54
C VAL B 197 9.18 -3.13 -0.99
N THR B 198 9.20 -2.97 0.34
CA THR B 198 9.73 -1.72 0.93
C THR B 198 11.16 -1.44 0.45
N TYR B 199 12.01 -2.49 0.34
CA TYR B 199 13.40 -2.26 -0.10
C TYR B 199 13.43 -1.70 -1.54
N ILE B 200 12.49 -2.13 -2.43
CA ILE B 200 12.43 -1.56 -3.78
C ILE B 200 12.11 -0.06 -3.70
N GLY B 201 11.15 0.31 -2.85
CA GLY B 201 10.81 1.72 -2.68
C GLY B 201 11.99 2.55 -2.21
N TRP B 202 12.72 2.03 -1.21
CA TRP B 202 13.91 2.70 -0.69
C TRP B 202 14.99 2.86 -1.74
N VAL B 203 15.22 1.82 -2.59
CA VAL B 203 16.22 1.93 -3.68
C VAL B 203 15.86 3.11 -4.60
N LEU B 204 14.58 3.17 -4.98
CA LEU B 204 14.08 4.18 -5.91
C LEU B 204 14.06 5.60 -5.36
N GLU B 205 14.08 5.74 -4.01
CA GLU B 205 14.04 7.07 -3.39
C GLU B 205 15.23 7.95 -3.79
N SER B 206 16.38 7.33 -4.10
CA SER B 206 17.57 8.15 -4.45
C SER B 206 17.68 8.42 -5.97
N ILE B 207 16.68 8.00 -6.77
CA ILE B 207 16.67 8.36 -8.21
C ILE B 207 16.14 9.80 -8.24
N PRO B 208 16.78 10.72 -8.99
CA PRO B 208 16.25 12.10 -9.05
C PRO B 208 14.81 12.14 -9.59
N GLN B 209 13.99 13.04 -9.07
CA GLN B 209 12.61 13.18 -9.51
C GLN B 209 12.53 13.51 -11.03
N GLU B 210 13.52 14.23 -11.59
CA GLU B 210 13.53 14.56 -13.03
C GLU B 210 13.65 13.30 -13.91
N ILE B 211 14.32 12.24 -13.43
CA ILE B 211 14.39 10.97 -14.17
C ILE B 211 13.01 10.35 -14.12
N VAL B 212 12.39 10.28 -12.93
CA VAL B 212 11.05 9.68 -12.79
C VAL B 212 10.01 10.41 -13.66
N ASP B 213 10.10 11.73 -13.73
CA ASP B 213 9.18 12.53 -14.55
C ASP B 213 9.36 12.39 -16.08
N THR B 214 10.56 12.03 -16.55
CA THR B 214 10.83 11.96 -17.98
C THR B 214 11.07 10.57 -18.55
N HIS B 215 11.21 9.57 -17.67
CA HIS B 215 11.48 8.20 -18.07
C HIS B 215 10.52 7.23 -17.43
N GLU B 216 10.46 6.02 -17.99
CA GLU B 216 9.71 4.93 -17.40
C GLU B 216 10.73 3.85 -16.98
N LEU B 217 10.55 3.25 -15.82
CA LEU B 217 11.41 2.16 -15.35
C LEU B 217 11.13 0.90 -16.19
N GLN B 218 12.13 0.37 -16.90
CA GLN B 218 11.94 -0.82 -17.72
C GLN B 218 12.43 -2.10 -16.99
N VAL B 219 13.58 -2.03 -16.28
CA VAL B 219 14.13 -3.24 -15.63
C VAL B 219 14.67 -2.85 -14.24
N ILE B 220 14.45 -3.73 -13.24
CA ILE B 220 15.04 -3.56 -11.90
C ILE B 220 15.57 -4.92 -11.45
N THR B 221 16.83 -4.97 -10.97
CA THR B 221 17.44 -6.19 -10.44
C THR B 221 17.91 -5.83 -9.05
N LEU B 222 17.44 -6.56 -8.04
CA LEU B 222 17.81 -6.26 -6.67
C LEU B 222 18.27 -7.51 -5.93
N ASP B 223 19.49 -7.47 -5.34
CA ASP B 223 20.04 -8.53 -4.49
C ASP B 223 19.71 -8.15 -3.05
N TYR B 224 19.30 -9.12 -2.23
CA TYR B 224 18.97 -8.90 -0.82
C TYR B 224 20.04 -9.66 -0.01
N ARG B 225 20.72 -8.98 0.90
CA ARG B 225 21.86 -9.56 1.63
C ARG B 225 21.60 -9.68 3.15
N ARG B 226 20.83 -8.77 3.70
CA ARG B 226 20.58 -8.65 5.12
C ARG B 226 19.25 -7.95 5.34
N GLU B 227 18.58 -8.29 6.43
CA GLU B 227 17.30 -7.70 6.76
C GLU B 227 17.43 -6.32 7.45
N CYS B 228 16.53 -5.38 7.12
CA CYS B 228 16.47 -4.11 7.85
C CYS B 228 15.52 -4.41 9.02
N GLN B 229 15.98 -4.24 10.27
CA GLN B 229 15.08 -4.48 11.41
C GLN B 229 14.12 -3.28 11.57
N GLN B 230 13.02 -3.46 12.32
CA GLN B 230 12.00 -2.43 12.54
C GLN B 230 12.59 -1.13 13.14
N ASP B 231 13.67 -1.23 13.93
CA ASP B 231 14.31 -0.07 14.55
C ASP B 231 15.63 0.40 13.83
N ASP B 232 15.90 -0.15 12.63
CA ASP B 232 17.09 0.24 11.87
C ASP B 232 16.77 1.49 10.99
N VAL B 233 17.81 2.19 10.52
CA VAL B 233 17.69 3.39 9.65
C VAL B 233 18.57 3.12 8.42
N VAL B 234 18.07 3.44 7.24
CA VAL B 234 18.72 3.09 5.99
C VAL B 234 19.09 4.30 5.14
N ASP B 235 20.24 4.20 4.43
CA ASP B 235 20.64 5.22 3.45
C ASP B 235 20.57 4.55 2.09
N SER B 236 20.02 5.29 1.09
CA SER B 236 19.84 4.82 -0.27
C SER B 236 20.77 5.62 -1.16
N LEU B 237 21.69 4.94 -1.85
CA LEU B 237 22.73 5.56 -2.67
C LEU B 237 22.58 5.12 -4.14
N THR B 238 22.77 6.06 -5.09
CA THR B 238 22.63 5.78 -6.52
C THR B 238 23.70 6.55 -7.33
N THR B 239 24.25 5.91 -8.37
CA THR B 239 25.22 6.53 -9.27
C THR B 239 24.84 6.15 -10.71
N THR B 240 24.83 7.11 -11.65
CA THR B 240 24.52 6.80 -13.04
C THR B 240 25.67 6.00 -13.65
N THR B 241 25.37 4.92 -14.37
CA THR B 241 26.42 4.13 -15.06
C THR B 241 26.31 4.22 -16.58
N SER B 242 25.24 4.82 -17.13
CA SER B 242 25.13 4.99 -18.58
C SER B 242 25.95 6.22 -19.02
N ASP B 260 18.44 5.53 -23.24
CA ASP B 260 18.29 4.78 -22.00
C ASP B 260 19.23 5.33 -20.90
N SER B 261 18.81 5.26 -19.64
CA SER B 261 19.63 5.67 -18.49
C SER B 261 19.73 4.45 -17.56
N GLN B 262 20.93 4.13 -17.05
CA GLN B 262 21.14 3.00 -16.16
C GLN B 262 21.77 3.50 -14.88
N PHE B 263 21.40 2.90 -13.75
CA PHE B 263 21.92 3.31 -12.46
C PHE B 263 22.40 2.10 -11.65
N LEU B 264 23.36 2.33 -10.75
CA LEU B 264 23.83 1.32 -9.82
C LEU B 264 23.31 1.79 -8.43
N HIS B 265 22.81 0.87 -7.60
CA HIS B 265 22.20 1.21 -6.31
C HIS B 265 22.82 0.45 -5.15
N LEU B 266 22.77 1.07 -3.98
CA LEU B 266 23.23 0.44 -2.75
C LEU B 266 22.38 0.97 -1.59
N LEU B 267 21.84 0.06 -0.74
CA LEU B 267 21.15 0.39 0.50
C LEU B 267 22.05 -0.12 1.60
N ARG B 268 22.31 0.72 2.58
CA ARG B 268 23.15 0.33 3.71
C ARG B 268 22.60 0.94 5.01
N LEU B 269 22.91 0.32 6.15
CA LEU B 269 22.44 0.83 7.44
C LEU B 269 23.13 2.15 7.72
N SER B 270 22.39 3.15 8.14
CA SER B 270 22.84 4.53 8.34
C SER B 270 23.99 4.69 9.29
N GLY B 271 24.03 3.84 10.30
CA GLY B 271 25.06 3.94 11.30
C GLY B 271 26.37 3.36 10.83
N ASP B 272 26.50 2.03 10.98
CA ASP B 272 27.74 1.35 10.66
C ASP B 272 28.03 1.14 9.14
N GLY B 273 27.07 1.41 8.26
CA GLY B 273 27.31 1.25 6.83
C GLY B 273 27.20 -0.19 6.31
N GLN B 274 26.62 -1.09 7.11
CA GLN B 274 26.43 -2.48 6.70
C GLN B 274 25.53 -2.56 5.45
N GLU B 275 25.97 -3.27 4.40
CA GLU B 275 25.16 -3.42 3.19
C GLU B 275 23.92 -4.27 3.46
N ILE B 276 22.73 -3.79 3.00
CA ILE B 276 21.54 -4.63 3.10
C ILE B 276 21.06 -5.08 1.69
N ASN B 277 21.28 -4.24 0.65
CA ASN B 277 20.89 -4.55 -0.74
C ASN B 277 21.81 -3.84 -1.73
N ARG B 278 21.93 -4.40 -2.92
CA ARG B 278 22.57 -3.74 -4.06
C ARG B 278 21.70 -4.02 -5.29
N GLY B 279 21.69 -3.13 -6.28
CA GLY B 279 20.86 -3.37 -7.46
C GLY B 279 21.15 -2.45 -8.62
N THR B 280 20.46 -2.67 -9.73
CA THR B 280 20.60 -1.84 -10.92
C THR B 280 19.21 -1.55 -11.48
N THR B 281 19.04 -0.39 -12.12
CA THR B 281 17.78 -0.07 -12.80
C THR B 281 18.07 0.44 -14.22
N LEU B 282 17.20 0.14 -15.18
CA LEU B 282 17.33 0.63 -16.55
C LEU B 282 16.02 1.38 -16.85
N TRP B 283 16.15 2.62 -17.36
CA TRP B 283 15.02 3.51 -17.61
C TRP B 283 15.00 3.94 -19.08
N ARG B 284 13.81 3.98 -19.69
CA ARG B 284 13.61 4.37 -21.09
C ARG B 284 12.96 5.75 -21.14
N LYS B 285 13.50 6.68 -21.96
CA LYS B 285 12.90 8.01 -22.09
C LYS B 285 11.48 7.89 -22.66
N LYS B 286 10.52 8.64 -22.09
CA LYS B 286 9.14 8.60 -22.55
C LYS B 286 9.06 9.15 -23.98
N1 ZVB C . -6.23 22.61 4.32
C4 ZVB C . -5.80 19.10 3.85
C5 ZVB C . -5.32 20.36 3.69
C6 ZVB C . -6.25 21.26 4.27
C7 ZVB C . -7.28 23.18 4.94
C8 ZVB C . -8.34 22.47 5.48
C10 ZVB C . -7.31 20.50 4.76
C1 ZVB C . -6.22 16.63 3.52
C2 ZVB C . -5.20 17.76 3.47
C3 ZVB C . -4.55 17.84 2.09
C9 ZVB C . -8.40 21.10 5.38
N2 ZVB C . -7.00 19.18 4.53
S SO4 D . -22.31 0.98 -12.41
O1 SO4 D . -23.52 0.69 -11.63
O2 SO4 D . -22.57 2.08 -13.35
O3 SO4 D . -21.16 1.35 -11.57
O4 SO4 D . -21.98 -0.22 -13.20
S SO4 E . -17.22 13.90 -1.70
O1 SO4 E . -18.14 14.17 -0.58
O2 SO4 E . -17.97 13.72 -2.95
O3 SO4 E . -16.23 14.97 -1.92
O4 SO4 E . -16.55 12.65 -1.31
S SO4 F . -2.91 23.60 2.80
O1 SO4 F . -1.65 23.49 3.53
O2 SO4 F . -3.92 24.19 3.68
O3 SO4 F . -2.68 24.41 1.59
O4 SO4 F . -3.42 22.26 2.49
N1 ZVB G . 19.79 -12.80 4.60
C4 ZVB G . 16.83 -11.27 3.31
C5 ZVB G . 17.65 -11.51 4.38
C6 ZVB G . 18.74 -12.28 3.91
C7 ZVB G . 20.66 -13.52 3.87
C8 ZVB G . 20.52 -13.77 2.51
C10 ZVB G . 18.53 -12.54 2.56
C1 ZVB G . 14.78 -10.75 1.91
C2 ZVB G . 15.51 -10.53 3.24
C3 ZVB G . 15.67 -9.04 3.52
C9 ZVB G . 19.44 -13.29 1.81
N2 ZVB G . 17.38 -11.88 2.20
S SO4 H . 9.20 -20.20 -3.41
O1 SO4 H . 9.81 -20.14 -2.07
O2 SO4 H . 8.65 -18.90 -3.78
O3 SO4 H . 10.21 -20.42 -4.48
O4 SO4 H . 8.18 -21.27 -3.39
S SO4 I . 19.77 -11.48 8.14
O1 SO4 I . 19.51 -12.25 9.36
O2 SO4 I . 18.56 -11.47 7.29
O3 SO4 I . 20.08 -10.09 8.44
O4 SO4 I . 20.84 -12.03 7.29
S SO4 J . -7.77 -23.63 -6.83
O1 SO4 J . -7.65 -24.82 -5.97
O2 SO4 J . -9.17 -23.19 -6.83
O3 SO4 J . -6.89 -22.56 -6.33
O4 SO4 J . -7.37 -23.99 -8.20
#